data_3T7V
#
_entry.id   3T7V
#
_cell.length_a   77.020
_cell.length_b   77.020
_cell.length_c   104.950
_cell.angle_alpha   90.00
_cell.angle_beta   90.00
_cell.angle_gamma   120.00
#
_symmetry.space_group_name_H-M   'P 32 2 1'
#
loop_
_entity.id
_entity.type
_entity.pdbx_description
1 polymer 'methylornithine synthase PylB'
2 non-polymer 'IRON/SULFUR CLUSTER'
3 non-polymer S-ADENOSYLMETHIONINE
4 non-polymer 5-amino-D-isoleucine
5 water water
#
_entity_poly.entity_id   1
_entity_poly.type   'polypeptide(L)'
_entity_poly.pdbx_seq_one_letter_code
;MIQKMALDEFDSLGDKVIEGYQLTDNDLRTLLSLESKEGLERLYSAARKVRDHYFGNRVFLNCFIYFSTYCKNQCSFCYY
NCRNEINRYRLTMEEIKETCKTLKGAGFHMVDLTMGEDPYYYEDPNRFVELVQIVKEELGLPIMISPGLMDNATLLKARE
KGANFLALYQETYDTELYRKLRVGQSFDGRVNARRFAKQQGYCVEDGILTGVGNDIESTILSLRGMSTNDPDMVRVMTFL
PQEGTPLEGFRDKSNLSELKIISVLRLMFPKRLIPASLDLEGIDGMVLRLNAGANIVTSILPPDSQLEGVANYDRDLEER
DRDIKSVVRRLEIMGMKPARQADFEAVLGC
;
_entity_poly.pdbx_strand_id   A
#
# COMPACT_ATOMS: atom_id res chain seq x y z
N SER A 12 -11.92 -17.26 -20.07
CA SER A 12 -13.11 -16.40 -20.30
C SER A 12 -13.39 -15.38 -19.17
N LEU A 13 -13.00 -15.70 -17.92
CA LEU A 13 -13.29 -14.82 -16.80
C LEU A 13 -12.65 -13.44 -16.99
N GLY A 14 -11.40 -13.40 -17.44
CA GLY A 14 -10.76 -12.09 -17.71
C GLY A 14 -11.48 -11.28 -18.79
N ASP A 15 -11.89 -11.97 -19.84
CA ASP A 15 -12.69 -11.36 -20.95
C ASP A 15 -14.02 -10.76 -20.48
N LYS A 16 -14.72 -11.57 -19.64
CA LYS A 16 -15.96 -11.14 -19.07
C LYS A 16 -15.74 -9.81 -18.28
N VAL A 17 -14.72 -9.79 -17.43
CA VAL A 17 -14.43 -8.58 -16.67
C VAL A 17 -14.07 -7.36 -17.51
N ILE A 18 -13.26 -7.59 -18.53
CA ILE A 18 -12.89 -6.53 -19.49
C ILE A 18 -14.17 -5.91 -20.09
N GLU A 19 -15.15 -6.76 -20.37
CA GLU A 19 -16.42 -6.32 -20.96
C GLU A 19 -17.43 -5.66 -20.01
N GLY A 20 -17.15 -5.72 -18.69
CA GLY A 20 -17.94 -5.03 -17.66
C GLY A 20 -18.57 -5.94 -16.64
N TYR A 21 -18.31 -7.25 -16.71
CA TYR A 21 -18.89 -8.19 -15.73
C TYR A 21 -18.50 -7.81 -14.28
N GLN A 22 -19.47 -7.82 -13.38
CA GLN A 22 -19.28 -7.53 -11.94
C GLN A 22 -19.31 -8.86 -11.19
N LEU A 23 -18.23 -9.18 -10.47
CA LEU A 23 -18.19 -10.39 -9.69
C LEU A 23 -19.29 -10.35 -8.61
N THR A 24 -20.05 -11.45 -8.51
CA THR A 24 -21.04 -11.58 -7.44
C THR A 24 -20.42 -12.09 -6.15
N ASP A 25 -21.21 -12.13 -5.07
CA ASP A 25 -20.66 -12.72 -3.86
C ASP A 25 -20.37 -14.20 -4.04
N ASN A 26 -21.21 -14.92 -4.77
CA ASN A 26 -20.87 -16.35 -5.10
C ASN A 26 -19.52 -16.45 -5.82
N ASP A 27 -19.26 -15.57 -6.79
CA ASP A 27 -17.98 -15.59 -7.52
C ASP A 27 -16.85 -15.34 -6.50
N LEU A 28 -16.99 -14.37 -5.59
CA LEU A 28 -15.93 -14.09 -4.54
C LEU A 28 -15.75 -15.31 -3.69
N ARG A 29 -16.83 -15.96 -3.20
CA ARG A 29 -16.64 -17.16 -2.41
C ARG A 29 -15.87 -18.22 -3.13
N THR A 30 -16.20 -18.43 -4.42
CA THR A 30 -15.57 -19.46 -5.21
C THR A 30 -14.08 -19.14 -5.38
N LEU A 31 -13.80 -17.91 -5.81
CA LEU A 31 -12.38 -17.51 -6.07
C LEU A 31 -11.55 -17.54 -4.81
N LEU A 32 -12.15 -17.07 -3.72
CA LEU A 32 -11.44 -17.05 -2.46
C LEU A 32 -11.23 -18.43 -1.84
N SER A 33 -11.98 -19.46 -2.29
CA SER A 33 -11.77 -20.78 -1.67
C SER A 33 -10.86 -21.66 -2.57
N LEU A 34 -10.29 -21.10 -3.66
CA LEU A 34 -9.48 -21.89 -4.57
C LEU A 34 -8.22 -22.36 -3.83
N GLU A 35 -7.87 -23.63 -4.01
CA GLU A 35 -6.77 -24.22 -3.26
C GLU A 35 -5.77 -24.91 -4.21
N SER A 36 -6.28 -25.43 -5.33
CA SER A 36 -5.42 -26.24 -6.24
C SER A 36 -4.48 -25.40 -7.07
N LYS A 37 -3.32 -25.97 -7.39
CA LYS A 37 -2.29 -25.28 -8.19
C LYS A 37 -2.88 -24.83 -9.51
N GLU A 38 -3.68 -25.66 -10.14
CA GLU A 38 -4.24 -25.34 -11.45
C GLU A 38 -5.29 -24.26 -11.38
N GLY A 39 -6.17 -24.37 -10.40
CA GLY A 39 -7.19 -23.33 -10.10
C GLY A 39 -6.56 -21.96 -9.84
N LEU A 40 -5.52 -21.92 -8.98
CA LEU A 40 -4.85 -20.67 -8.67
C LEU A 40 -4.18 -20.11 -9.90
N GLU A 41 -3.55 -20.96 -10.72
CA GLU A 41 -2.93 -20.46 -11.96
C GLU A 41 -3.99 -19.88 -12.93
N ARG A 42 -5.20 -20.46 -12.97
CA ARG A 42 -6.22 -19.93 -13.86
C ARG A 42 -6.70 -18.56 -13.33
N LEU A 43 -6.73 -18.41 -12.02
CA LEU A 43 -7.13 -17.12 -11.40
C LEU A 43 -6.04 -16.04 -11.70
N TYR A 44 -4.78 -16.38 -11.49
CA TYR A 44 -3.71 -15.41 -11.81
C TYR A 44 -3.70 -15.02 -13.28
N SER A 45 -3.88 -16.00 -14.18
CA SER A 45 -3.94 -15.74 -15.60
C SER A 45 -5.09 -14.81 -15.96
N ALA A 46 -6.27 -15.01 -15.36
CA ALA A 46 -7.38 -14.12 -15.64
C ALA A 46 -7.06 -12.67 -15.23
N ALA A 47 -6.53 -12.55 -14.01
CA ALA A 47 -6.17 -11.19 -13.56
C ALA A 47 -5.06 -10.58 -14.44
N ARG A 48 -4.08 -11.34 -14.90
CA ARG A 48 -3.09 -10.73 -15.80
C ARG A 48 -3.76 -10.32 -17.13
N LYS A 49 -4.73 -11.07 -17.65
CA LYS A 49 -5.40 -10.62 -18.87
C LYS A 49 -6.05 -9.25 -18.71
N VAL A 50 -6.69 -9.05 -17.55
CA VAL A 50 -7.39 -7.79 -17.26
C VAL A 50 -6.33 -6.69 -17.11
N ARG A 51 -5.30 -6.97 -16.31
CA ARG A 51 -4.27 -5.94 -16.10
C ARG A 51 -3.55 -5.57 -17.41
N ASP A 52 -3.31 -6.57 -18.27
CA ASP A 52 -2.59 -6.31 -19.52
C ASP A 52 -3.47 -5.49 -20.46
N HIS A 53 -4.78 -5.71 -20.41
CA HIS A 53 -5.70 -4.97 -21.26
C HIS A 53 -5.61 -3.50 -20.98
N TYR A 54 -5.61 -3.12 -19.68
CA TYR A 54 -5.63 -1.70 -19.33
C TYR A 54 -4.26 -1.08 -19.12
N PHE A 55 -3.24 -1.91 -18.86
CA PHE A 55 -1.91 -1.37 -18.50
C PHE A 55 -0.77 -1.91 -19.32
N GLY A 56 -1.09 -2.85 -20.21
CA GLY A 56 -0.02 -3.56 -20.91
C GLY A 56 0.98 -4.22 -19.97
N ASN A 57 2.24 -4.20 -20.39
CA ASN A 57 3.36 -4.68 -19.60
C ASN A 57 4.06 -3.55 -18.86
N ARG A 58 3.39 -2.43 -18.65
CA ARG A 58 4.00 -1.26 -18.06
C ARG A 58 3.67 -1.17 -16.56
N VAL A 59 4.67 -0.86 -15.74
CA VAL A 59 4.50 -0.92 -14.30
C VAL A 59 4.88 0.43 -13.73
N PHE A 60 4.19 0.84 -12.65
CA PHE A 60 4.51 2.08 -11.94
C PHE A 60 5.41 1.76 -10.75
N LEU A 61 6.20 2.72 -10.31
CA LEU A 61 7.25 2.53 -9.27
C LEU A 61 7.10 3.60 -8.19
N ASN A 62 6.93 3.20 -6.92
CA ASN A 62 6.68 4.15 -5.79
C ASN A 62 7.79 3.98 -4.78
N CYS A 63 8.49 5.06 -4.52
CA CYS A 63 9.52 5.02 -3.44
C CYS A 63 8.88 5.19 -2.08
N PHE A 64 9.38 4.52 -1.08
CA PHE A 64 8.81 4.62 0.26
C PHE A 64 9.79 5.31 1.18
N ILE A 65 9.37 6.41 1.75
CA ILE A 65 10.19 7.20 2.72
C ILE A 65 9.47 7.28 4.04
N TYR A 66 9.92 6.40 4.94
CA TYR A 66 9.33 6.34 6.29
C TYR A 66 10.14 7.33 7.11
N PHE A 67 9.60 8.57 7.23
CA PHE A 67 10.42 9.71 7.73
C PHE A 67 10.37 9.90 9.25
N SER A 68 9.44 9.18 9.90
CA SER A 68 9.40 9.16 11.36
C SER A 68 8.74 7.89 11.82
N THR A 69 9.42 7.14 12.72
CA THR A 69 8.87 5.89 13.21
C THR A 69 8.31 6.03 14.60
N TYR A 70 8.05 7.26 15.02
CA TYR A 70 7.28 7.49 16.24
C TYR A 70 5.80 7.40 16.00
N CYS A 71 5.09 6.75 16.92
CA CYS A 71 3.62 6.64 16.81
C CYS A 71 2.98 6.71 18.17
N LYS A 72 1.87 7.43 18.25
CA LYS A 72 1.09 7.51 19.49
C LYS A 72 -0.02 6.44 19.58
N ASN A 73 -0.28 5.75 18.49
CA ASN A 73 -1.41 4.76 18.44
C ASN A 73 -0.92 3.37 18.89
N GLN A 74 -1.87 2.48 19.08
CA GLN A 74 -1.60 1.18 19.73
C GLN A 74 -2.13 0.03 18.90
N CYS A 75 -1.94 0.10 17.59
CA CYS A 75 -2.37 -1.00 16.74
C CYS A 75 -1.75 -2.32 17.18
N SER A 76 -2.62 -3.35 17.23
CA SER A 76 -2.15 -4.64 17.81
C SER A 76 -1.18 -5.41 16.90
N PHE A 77 -1.23 -5.07 15.63
CA PHE A 77 -0.47 -5.79 14.58
C PHE A 77 0.90 -5.12 14.26
N CYS A 78 1.08 -3.83 14.69
CA CYS A 78 2.16 -3.08 14.12
C CYS A 78 3.35 -2.97 15.05
N TYR A 79 4.53 -3.24 14.49
CA TYR A 79 5.77 -3.16 15.31
C TYR A 79 5.93 -1.77 15.94
N TYR A 80 5.42 -0.71 15.30
CA TYR A 80 5.72 0.63 15.74
C TYR A 80 4.65 1.15 16.71
N ASN A 81 3.73 0.29 17.16
CA ASN A 81 2.75 0.75 18.16
C ASN A 81 3.44 1.33 19.39
N CYS A 82 2.78 2.27 20.02
CA CYS A 82 3.40 3.04 21.07
C CYS A 82 3.83 2.24 22.29
N ARG A 83 3.24 1.06 22.48
CA ARG A 83 3.60 0.24 23.68
C ARG A 83 4.89 -0.52 23.39
N ASN A 84 5.39 -0.58 22.13
CA ASN A 84 6.56 -1.39 21.83
C ASN A 84 7.82 -0.59 22.10
N GLU A 85 8.71 -1.02 22.99
CA GLU A 85 9.95 -0.32 23.28
C GLU A 85 11.03 -0.68 22.31
N ILE A 86 11.14 0.15 21.27
CA ILE A 86 11.96 -0.17 20.10
C ILE A 86 12.84 1.04 19.72
N ASN A 87 13.71 0.80 18.77
CA ASN A 87 14.51 1.89 18.19
C ASN A 87 13.51 2.70 17.36
N ARG A 88 13.60 4.05 17.43
CA ARG A 88 12.74 4.95 16.66
C ARG A 88 13.58 6.12 16.19
N TYR A 89 13.26 6.61 15.00
CA TYR A 89 14.00 7.72 14.43
C TYR A 89 13.06 8.75 13.87
N ARG A 90 13.59 9.95 13.64
CA ARG A 90 12.79 11.06 13.04
C ARG A 90 13.79 11.80 12.17
N LEU A 91 13.67 11.68 10.85
CA LEU A 91 14.68 12.28 9.93
C LEU A 91 14.69 13.79 10.14
N THR A 92 15.93 14.36 10.18
CA THR A 92 16.03 15.80 10.20
C THR A 92 15.81 16.37 8.76
N MET A 93 15.65 17.71 8.65
CA MET A 93 15.51 18.32 7.35
C MET A 93 16.69 18.00 6.47
N GLU A 94 17.96 18.02 7.02
CA GLU A 94 19.08 17.70 6.19
C GLU A 94 19.05 16.26 5.65
N GLU A 95 18.61 15.32 6.52
CA GLU A 95 18.50 13.92 6.08
C GLU A 95 17.38 13.78 5.03
N ILE A 96 16.29 14.55 5.13
CA ILE A 96 15.24 14.48 4.11
C ILE A 96 15.77 15.03 2.78
N LYS A 97 16.49 16.13 2.84
CA LYS A 97 17.01 16.69 1.59
C LYS A 97 18.07 15.75 0.96
N GLU A 98 18.92 15.11 1.79
CA GLU A 98 19.87 14.20 1.23
C GLU A 98 19.17 13.01 0.62
N THR A 99 18.11 12.53 1.24
CA THR A 99 17.35 11.39 0.67
C THR A 99 16.76 11.82 -0.66
N CYS A 100 16.18 13.01 -0.70
CA CYS A 100 15.58 13.48 -1.96
C CYS A 100 16.65 13.53 -3.09
N LYS A 101 17.87 13.97 -2.78
CA LYS A 101 18.90 14.12 -3.84
C LYS A 101 19.13 12.75 -4.48
N THR A 102 19.01 11.65 -3.71
CA THR A 102 19.33 10.36 -4.25
C THR A 102 18.19 9.84 -5.12
N LEU A 103 17.00 10.49 -5.06
CA LEU A 103 15.82 10.02 -5.77
C LEU A 103 15.66 10.72 -7.12
N LYS A 104 16.31 11.90 -7.24
CA LYS A 104 16.06 12.74 -8.45
C LYS A 104 16.58 12.01 -9.68
N GLY A 105 15.66 11.90 -10.64
CA GLY A 105 15.99 11.21 -11.91
C GLY A 105 16.22 9.71 -11.81
N ALA A 106 15.79 9.07 -10.71
CA ALA A 106 16.00 7.66 -10.54
C ALA A 106 14.97 6.84 -11.27
N GLY A 107 13.82 7.42 -11.64
CA GLY A 107 12.85 6.66 -12.42
C GLY A 107 11.59 6.39 -11.65
N PHE A 108 11.45 6.96 -10.43
CA PHE A 108 10.17 6.79 -9.70
C PHE A 108 9.02 7.63 -10.28
N HIS A 109 7.82 7.04 -10.23
CA HIS A 109 6.58 7.76 -10.58
C HIS A 109 5.96 8.52 -9.44
N MET A 110 6.30 8.15 -8.20
CA MET A 110 5.65 8.73 -7.04
C MET A 110 6.55 8.45 -5.87
N VAL A 111 6.48 9.28 -4.83
CA VAL A 111 7.14 8.99 -3.53
C VAL A 111 6.07 8.96 -2.45
N ASP A 112 6.17 7.97 -1.57
CA ASP A 112 5.24 7.85 -0.39
C ASP A 112 5.86 8.29 0.90
N LEU A 113 5.46 9.45 1.40
CA LEU A 113 6.05 10.01 2.66
C LEU A 113 5.14 9.46 3.80
N THR A 114 5.71 8.57 4.60
CA THR A 114 4.96 7.86 5.61
C THR A 114 5.53 8.13 6.99
N MET A 115 4.64 8.21 7.98
CA MET A 115 5.06 8.29 9.37
C MET A 115 4.09 7.49 10.21
N GLY A 116 4.57 7.12 11.40
CA GLY A 116 3.61 6.83 12.50
C GLY A 116 2.86 8.12 12.87
N GLU A 117 1.87 8.04 13.73
CA GLU A 117 1.21 9.26 14.18
C GLU A 117 2.16 9.87 15.21
N ASP A 118 3.12 10.65 14.68
CA ASP A 118 4.25 11.13 15.55
C ASP A 118 3.74 12.38 16.29
N PRO A 119 3.83 12.34 17.62
CA PRO A 119 3.42 13.53 18.37
C PRO A 119 4.08 14.82 17.96
N TYR A 120 5.36 14.77 17.50
CA TYR A 120 6.04 15.97 17.02
C TYR A 120 5.29 16.65 15.86
N TYR A 121 4.85 15.84 14.88
CA TYR A 121 4.12 16.40 13.74
C TYR A 121 2.67 16.66 14.09
N TYR A 122 2.06 15.90 14.99
CA TYR A 122 0.66 16.17 15.37
C TYR A 122 0.49 17.38 16.31
N GLU A 123 1.53 17.71 17.09
CA GLU A 123 1.51 18.92 18.03
C GLU A 123 1.43 20.17 17.23
N ASP A 124 2.10 20.19 16.07
CA ASP A 124 2.04 21.41 15.23
C ASP A 124 2.09 20.94 13.78
N PRO A 125 0.91 20.65 13.22
CA PRO A 125 0.90 20.06 11.90
C PRO A 125 1.44 20.92 10.82
N ASN A 126 1.72 22.21 11.07
CA ASN A 126 2.42 22.98 10.07
C ASN A 126 3.83 22.40 9.83
N ARG A 127 4.35 21.64 10.79
CA ARG A 127 5.66 21.01 10.56
C ARG A 127 5.55 19.92 9.45
N PHE A 128 4.40 19.23 9.40
CA PHE A 128 4.21 18.22 8.36
C PHE A 128 3.96 18.93 7.03
N VAL A 129 3.14 19.97 7.03
CA VAL A 129 2.84 20.75 5.78
C VAL A 129 4.17 21.28 5.22
N GLU A 130 5.09 21.73 6.07
CA GLU A 130 6.37 22.27 5.55
C GLU A 130 7.20 21.13 4.97
N LEU A 131 7.13 19.96 5.62
CA LEU A 131 7.84 18.77 5.07
C LEU A 131 7.28 18.44 3.66
N VAL A 132 5.99 18.39 3.47
CA VAL A 132 5.50 18.14 2.12
C VAL A 132 5.94 19.21 1.12
N GLN A 133 5.93 20.47 1.54
CA GLN A 133 6.35 21.56 0.64
C GLN A 133 7.81 21.33 0.23
N ILE A 134 8.70 21.00 1.16
CA ILE A 134 10.12 20.82 0.84
C ILE A 134 10.32 19.67 -0.07
N VAL A 135 9.68 18.53 0.22
CA VAL A 135 9.84 17.42 -0.70
C VAL A 135 9.27 17.72 -2.11
N LYS A 136 8.14 18.41 -2.22
CA LYS A 136 7.56 18.73 -3.54
C LYS A 136 8.54 19.68 -4.26
N GLU A 137 9.10 20.66 -3.52
CA GLU A 137 10.05 21.60 -4.15
C GLU A 137 11.32 20.90 -4.65
N GLU A 138 11.78 19.89 -3.90
CA GLU A 138 12.99 19.13 -4.25
C GLU A 138 12.75 18.22 -5.39
N LEU A 139 11.62 17.49 -5.37
CA LEU A 139 11.44 16.41 -6.36
C LEU A 139 10.49 16.68 -7.50
N GLY A 140 9.50 17.50 -7.27
CA GLY A 140 8.50 17.76 -8.31
C GLY A 140 7.56 16.59 -8.66
N LEU A 141 7.72 15.46 -8.03
CA LEU A 141 7.02 14.21 -8.37
C LEU A 141 5.74 14.19 -7.64
N PRO A 142 4.78 13.41 -8.16
CA PRO A 142 3.60 13.08 -7.32
C PRO A 142 3.96 12.55 -5.96
N ILE A 143 3.25 13.03 -4.98
CA ILE A 143 3.52 12.63 -3.58
C ILE A 143 2.32 11.92 -3.00
N MET A 144 2.57 10.75 -2.45
CA MET A 144 1.58 10.04 -1.62
C MET A 144 1.95 10.36 -0.18
N ILE A 145 0.99 10.72 0.62
CA ILE A 145 1.22 10.87 2.08
C ILE A 145 0.50 9.78 2.81
N SER A 146 1.17 9.25 3.85
CA SER A 146 0.56 8.28 4.75
C SER A 146 0.83 8.80 6.17
N PRO A 147 0.08 9.78 6.64
CA PRO A 147 0.39 10.48 7.88
C PRO A 147 -0.42 9.99 9.06
N GLY A 148 -1.25 8.96 8.82
CA GLY A 148 -2.29 8.58 9.79
C GLY A 148 -3.47 9.51 9.69
N LEU A 149 -4.29 9.51 10.74
CA LEU A 149 -5.53 10.26 10.69
C LEU A 149 -5.25 11.74 11.12
N MET A 150 -4.69 12.46 10.18
CA MET A 150 -4.39 13.90 10.40
C MET A 150 -5.79 14.65 10.22
N ASP A 151 -5.90 15.82 10.84
CA ASP A 151 -7.14 16.54 10.71
C ASP A 151 -7.40 17.08 9.34
N ASN A 152 -8.67 17.40 9.09
CA ASN A 152 -9.03 17.90 7.77
C ASN A 152 -8.26 19.20 7.42
N ALA A 153 -8.02 20.11 8.34
CA ALA A 153 -7.31 21.31 7.98
C ALA A 153 -5.90 20.95 7.48
N THR A 154 -5.24 19.97 8.12
CA THR A 154 -3.89 19.64 7.70
C THR A 154 -3.96 18.98 6.31
N LEU A 155 -4.96 18.11 6.08
CA LEU A 155 -5.11 17.48 4.75
C LEU A 155 -5.22 18.56 3.66
N LEU A 156 -6.03 19.59 3.95
CA LEU A 156 -6.26 20.65 2.95
C LEU A 156 -4.97 21.45 2.71
N LYS A 157 -4.17 21.71 3.76
CA LYS A 157 -2.93 22.45 3.57
C LYS A 157 -1.88 21.61 2.82
N ALA A 158 -1.87 20.32 3.12
CA ALA A 158 -0.90 19.48 2.41
C ALA A 158 -1.21 19.31 0.93
N ARG A 159 -2.49 19.33 0.59
CA ARG A 159 -2.94 19.32 -0.82
C ARG A 159 -2.43 20.55 -1.53
N GLU A 160 -2.56 21.70 -0.87
CA GLU A 160 -2.10 22.97 -1.49
C GLU A 160 -0.57 23.01 -1.73
N LYS A 161 0.20 22.27 -0.88
CA LYS A 161 1.65 22.15 -1.05
C LYS A 161 2.12 21.07 -2.03
N GLY A 162 1.16 20.28 -2.53
CA GLY A 162 1.45 19.33 -3.64
C GLY A 162 1.26 17.87 -3.32
N ALA A 163 0.64 17.55 -2.20
CA ALA A 163 0.30 16.14 -1.98
C ALA A 163 -0.79 15.68 -2.98
N ASN A 164 -0.55 14.52 -3.61
CA ASN A 164 -1.46 13.99 -4.61
C ASN A 164 -2.29 12.80 -4.13
N PHE A 165 -1.77 11.90 -3.32
CA PHE A 165 -2.45 10.68 -2.88
C PHE A 165 -2.45 10.71 -1.36
N LEU A 166 -3.54 10.25 -0.82
CA LEU A 166 -3.61 9.92 0.62
C LEU A 166 -3.74 8.41 0.77
N ALA A 167 -2.82 7.80 1.48
CA ALA A 167 -2.95 6.35 1.76
C ALA A 167 -3.36 6.20 3.21
N LEU A 168 -4.54 5.68 3.42
CA LEU A 168 -5.08 5.56 4.81
C LEU A 168 -5.93 4.29 4.82
N TYR A 169 -5.27 3.19 5.19
CA TYR A 169 -5.94 1.90 4.95
C TYR A 169 -6.88 1.55 6.08
N GLN A 170 -8.02 0.99 5.70
CA GLN A 170 -9.01 0.59 6.72
C GLN A 170 -8.62 -0.71 7.47
N GLU A 171 -7.78 -1.56 6.81
CA GLU A 171 -7.33 -2.91 7.36
C GLU A 171 -8.43 -3.97 7.23
N THR A 172 -9.62 -3.61 7.66
CA THR A 172 -10.78 -4.50 7.52
C THR A 172 -12.04 -3.64 7.60
N TYR A 173 -13.09 -4.04 6.92
CA TYR A 173 -14.41 -3.49 7.15
C TYR A 173 -15.32 -4.35 8.02
N ASP A 174 -14.75 -5.41 8.59
CA ASP A 174 -15.48 -6.23 9.56
C ASP A 174 -15.30 -5.54 10.90
N THR A 175 -16.39 -4.97 11.45
CA THR A 175 -16.27 -4.14 12.63
C THR A 175 -15.75 -4.88 13.87
N GLU A 176 -16.11 -6.17 13.93
CA GLU A 176 -15.69 -7.03 15.05
C GLU A 176 -14.16 -7.19 15.01
N LEU A 177 -13.58 -7.26 13.79
CA LEU A 177 -12.16 -7.37 13.72
C LEU A 177 -11.43 -6.03 13.81
N TYR A 178 -11.99 -5.01 13.18
CA TYR A 178 -11.31 -3.70 13.18
C TYR A 178 -11.01 -3.24 14.62
N ARG A 179 -11.96 -3.36 15.54
CA ARG A 179 -11.68 -2.86 16.88
C ARG A 179 -10.57 -3.64 17.62
N LYS A 180 -10.23 -4.87 17.18
CA LYS A 180 -9.11 -5.62 17.77
C LYS A 180 -7.78 -5.28 17.17
N LEU A 181 -7.82 -4.65 15.97
CA LEU A 181 -6.62 -4.30 15.21
C LEU A 181 -6.23 -2.84 15.42
N ARG A 182 -7.06 -1.94 14.94
CA ARG A 182 -6.81 -0.48 15.11
C ARG A 182 -7.41 -0.03 16.43
N VAL A 183 -6.76 -0.47 17.49
CA VAL A 183 -7.32 -0.30 18.86
C VAL A 183 -7.50 1.18 19.18
N GLY A 184 -8.72 1.50 19.59
CA GLY A 184 -9.01 2.88 20.06
C GLY A 184 -9.26 3.89 18.94
N GLN A 185 -9.22 3.42 17.67
CA GLN A 185 -9.41 4.33 16.56
C GLN A 185 -10.84 4.21 16.03
N SER A 186 -11.42 5.36 15.64
CA SER A 186 -12.75 5.36 15.03
C SER A 186 -12.70 4.55 13.70
N PHE A 187 -13.77 3.82 13.44
CA PHE A 187 -13.90 3.18 12.16
C PHE A 187 -14.30 4.25 11.13
N ASP A 188 -15.31 5.07 11.43
CA ASP A 188 -15.78 6.03 10.43
C ASP A 188 -14.79 7.17 10.27
N GLY A 189 -13.93 7.41 11.27
CA GLY A 189 -12.96 8.53 11.17
C GLY A 189 -12.12 8.35 9.90
N ARG A 190 -11.64 7.11 9.67
CA ARG A 190 -10.74 6.89 8.52
C ARG A 190 -11.53 7.00 7.23
N VAL A 191 -12.76 6.44 7.22
CA VAL A 191 -13.62 6.55 6.06
C VAL A 191 -13.86 8.03 5.73
N ASN A 192 -14.17 8.84 6.74
CA ASN A 192 -14.49 10.24 6.53
C ASN A 192 -13.29 11.05 6.06
N ALA A 193 -12.08 10.70 6.56
CA ALA A 193 -10.91 11.42 6.13
C ALA A 193 -10.62 11.14 4.63
N ARG A 194 -10.80 9.88 4.20
CA ARG A 194 -10.59 9.62 2.77
C ARG A 194 -11.63 10.37 1.95
N ARG A 195 -12.86 10.48 2.42
CA ARG A 195 -13.86 11.22 1.67
C ARG A 195 -13.54 12.70 1.59
N PHE A 196 -13.06 13.27 2.71
CA PHE A 196 -12.70 14.69 2.74
C PHE A 196 -11.53 14.92 1.76
N ALA A 197 -10.54 14.00 1.80
CA ALA A 197 -9.39 14.15 0.93
C ALA A 197 -9.83 14.09 -0.54
N LYS A 198 -10.74 13.17 -0.91
CA LYS A 198 -11.19 13.10 -2.35
C LYS A 198 -11.85 14.48 -2.69
N GLN A 199 -12.59 15.08 -1.75
CA GLN A 199 -13.22 16.38 -2.06
C GLN A 199 -12.21 17.47 -2.32
N GLN A 200 -11.04 17.41 -1.66
CA GLN A 200 -9.97 18.38 -1.89
C GLN A 200 -9.11 18.11 -3.10
N GLY A 201 -9.41 16.99 -3.75
CA GLY A 201 -8.72 16.63 -4.97
C GLY A 201 -7.73 15.47 -4.91
N TYR A 202 -7.50 14.96 -3.70
CA TYR A 202 -6.60 13.79 -3.61
C TYR A 202 -7.14 12.57 -4.31
N CYS A 203 -6.21 11.75 -4.81
CA CYS A 203 -6.52 10.34 -5.06
C CYS A 203 -6.35 9.60 -3.71
N VAL A 204 -7.06 8.50 -3.49
CA VAL A 204 -6.99 7.80 -2.20
C VAL A 204 -6.64 6.35 -2.40
N GLU A 205 -5.83 5.82 -1.50
CA GLU A 205 -5.54 4.36 -1.48
C GLU A 205 -6.16 3.81 -0.20
N ASP A 206 -6.88 2.72 -0.38
CA ASP A 206 -7.39 1.92 0.75
C ASP A 206 -6.72 0.59 0.70
N GLY A 207 -6.81 -0.12 1.83
CA GLY A 207 -6.09 -1.39 1.92
C GLY A 207 -6.68 -2.26 3.00
N ILE A 208 -6.52 -3.54 2.78
CA ILE A 208 -6.88 -4.56 3.78
C ILE A 208 -5.74 -5.47 4.15
N LEU A 209 -5.79 -6.01 5.36
CA LEU A 209 -4.84 -6.96 5.82
C LEU A 209 -5.41 -8.34 5.71
N THR A 210 -4.60 -9.31 5.28
CA THR A 210 -5.02 -10.71 5.27
C THR A 210 -4.08 -11.48 6.13
N GLY A 211 -4.52 -12.66 6.58
CA GLY A 211 -3.70 -13.46 7.48
C GLY A 211 -3.79 -13.03 8.91
N VAL A 212 -4.85 -12.28 9.24
CA VAL A 212 -4.93 -11.64 10.54
C VAL A 212 -6.21 -12.10 11.23
N GLY A 213 -6.75 -13.24 10.80
CA GLY A 213 -7.93 -13.87 11.44
C GLY A 213 -9.19 -13.58 10.63
N ASN A 214 -9.02 -12.92 9.47
CA ASN A 214 -10.15 -12.77 8.53
C ASN A 214 -10.42 -14.08 7.80
N ASP A 215 -11.65 -14.52 7.88
CA ASP A 215 -12.08 -15.66 7.05
C ASP A 215 -12.62 -15.22 5.71
N ILE A 216 -13.18 -16.12 4.92
CA ILE A 216 -13.72 -15.69 3.61
C ILE A 216 -14.79 -14.64 3.79
N GLU A 217 -15.72 -14.84 4.71
CA GLU A 217 -16.83 -13.84 4.83
C GLU A 217 -16.28 -12.45 5.23
N SER A 218 -15.34 -12.44 6.17
CA SER A 218 -14.75 -11.14 6.61
C SER A 218 -14.07 -10.47 5.43
N THR A 219 -13.38 -11.25 4.61
CA THR A 219 -12.68 -10.72 3.45
C THR A 219 -13.68 -10.15 2.44
N ILE A 220 -14.79 -10.86 2.18
CA ILE A 220 -15.81 -10.29 1.28
C ILE A 220 -16.35 -8.97 1.79
N LEU A 221 -16.64 -8.88 3.12
CA LEU A 221 -17.13 -7.64 3.72
C LEU A 221 -16.09 -6.54 3.45
N SER A 222 -14.82 -6.89 3.53
CA SER A 222 -13.79 -5.87 3.31
C SER A 222 -13.62 -5.48 1.87
N LEU A 223 -13.72 -6.46 0.97
CA LEU A 223 -13.67 -6.12 -0.47
C LEU A 223 -14.87 -5.22 -0.89
N ARG A 224 -16.08 -5.56 -0.42
CA ARG A 224 -17.24 -4.77 -0.74
C ARG A 224 -17.11 -3.39 -0.06
N GLY A 225 -16.56 -3.32 1.15
CA GLY A 225 -16.40 -2.03 1.92
C GLY A 225 -15.47 -1.14 1.16
N MET A 226 -14.39 -1.70 0.66
CA MET A 226 -13.39 -0.90 -0.15
C MET A 226 -14.02 -0.34 -1.40
N SER A 227 -14.91 -1.05 -2.04
CA SER A 227 -15.46 -0.63 -3.30
C SER A 227 -16.43 0.52 -3.11
N THR A 228 -17.14 0.59 -1.97
CA THR A 228 -18.18 1.57 -1.74
C THR A 228 -17.70 3.00 -1.94
N ASN A 229 -16.46 3.29 -1.53
CA ASN A 229 -15.86 4.62 -1.57
C ASN A 229 -15.04 5.01 -2.85
N ASP A 230 -15.02 4.14 -3.85
CA ASP A 230 -14.38 4.47 -5.15
C ASP A 230 -12.88 4.88 -5.02
N PRO A 231 -12.09 4.04 -4.36
CA PRO A 231 -10.67 4.40 -4.20
C PRO A 231 -9.93 4.31 -5.54
N ASP A 232 -8.85 5.08 -5.63
CA ASP A 232 -7.98 5.10 -6.82
C ASP A 232 -6.95 3.96 -6.85
N MET A 233 -6.63 3.43 -5.67
CA MET A 233 -5.65 2.38 -5.48
C MET A 233 -6.18 1.53 -4.35
N VAL A 234 -6.06 0.21 -4.54
CA VAL A 234 -6.54 -0.75 -3.50
C VAL A 234 -5.43 -1.76 -3.30
N ARG A 235 -5.22 -2.09 -2.04
CA ARG A 235 -4.18 -3.06 -1.71
C ARG A 235 -4.60 -4.11 -0.73
N VAL A 236 -3.83 -5.19 -0.77
CA VAL A 236 -3.90 -6.20 0.32
C VAL A 236 -2.48 -6.48 0.76
N MET A 237 -2.26 -6.57 2.06
CA MET A 237 -0.99 -7.01 2.61
C MET A 237 -1.12 -8.24 3.46
N THR A 238 -0.19 -9.17 3.30
CA THR A 238 -0.14 -10.28 4.27
C THR A 238 0.34 -9.79 5.63
N PHE A 239 -0.38 -10.12 6.71
CA PHE A 239 0.09 -9.79 8.06
C PHE A 239 1.33 -10.60 8.38
N LEU A 240 2.39 -9.86 8.75
CA LEU A 240 3.63 -10.55 9.26
C LEU A 240 3.63 -10.24 10.75
N PRO A 241 3.50 -11.23 11.62
CA PRO A 241 3.47 -10.95 13.12
C PRO A 241 4.85 -10.38 13.51
N GLN A 242 4.76 -9.39 14.41
CA GLN A 242 5.97 -8.61 14.76
C GLN A 242 6.30 -8.84 16.24
N GLU A 243 7.60 -8.82 16.52
CA GLU A 243 8.13 -8.98 17.90
C GLU A 243 7.63 -7.85 18.79
N GLY A 244 7.16 -8.19 20.00
CA GLY A 244 6.85 -7.17 20.95
C GLY A 244 5.45 -6.66 20.86
N THR A 245 4.66 -7.21 19.90
CA THR A 245 3.26 -6.73 19.78
C THR A 245 2.29 -7.76 20.36
N PRO A 246 1.02 -7.36 20.52
CA PRO A 246 0.02 -8.31 21.07
C PRO A 246 -0.18 -9.48 20.16
N LEU A 247 0.10 -9.32 18.87
CA LEU A 247 -0.07 -10.41 17.90
C LEU A 247 1.20 -11.19 17.54
N GLU A 248 2.27 -10.98 18.30
CA GLU A 248 3.50 -11.65 18.04
C GLU A 248 3.37 -13.17 17.83
N GLY A 249 2.54 -13.82 18.61
CA GLY A 249 2.45 -15.29 18.32
C GLY A 249 1.45 -15.76 17.30
N PHE A 250 0.82 -14.82 16.60
CA PHE A 250 -0.37 -15.20 15.84
C PHE A 250 -0.05 -16.08 14.67
N ARG A 251 -0.81 -17.18 14.53
CA ARG A 251 -0.69 -18.02 13.37
C ARG A 251 -2.08 -18.07 12.75
N ASP A 252 -2.13 -17.75 11.47
CA ASP A 252 -3.39 -17.80 10.73
C ASP A 252 -3.55 -19.21 10.13
N LYS A 253 -4.74 -19.74 10.32
CA LYS A 253 -5.13 -21.05 9.82
C LYS A 253 -6.02 -20.88 8.58
N SER A 254 -5.53 -20.11 7.59
CA SER A 254 -6.32 -19.80 6.37
C SER A 254 -5.61 -19.98 5.06
N ASN A 255 -6.41 -20.17 4.01
CA ASN A 255 -5.95 -20.28 2.61
C ASN A 255 -6.02 -18.90 1.90
N LEU A 256 -6.24 -17.82 2.67
CA LEU A 256 -6.54 -16.51 2.07
C LEU A 256 -5.28 -15.69 1.83
N SER A 257 -4.64 -16.10 0.75
CA SER A 257 -3.33 -15.60 0.51
C SER A 257 -3.48 -14.23 -0.14
N GLU A 258 -2.46 -13.42 0.06
CA GLU A 258 -2.39 -12.14 -0.59
C GLU A 258 -2.46 -12.30 -2.16
N LEU A 259 -1.82 -13.33 -2.75
CA LEU A 259 -1.87 -13.43 -4.20
C LEU A 259 -3.26 -13.64 -4.75
N LYS A 260 -4.02 -14.52 -4.08
CA LYS A 260 -5.43 -14.74 -4.46
C LYS A 260 -6.22 -13.44 -4.36
N ILE A 261 -5.99 -12.68 -3.29
CA ILE A 261 -6.79 -11.49 -3.11
C ILE A 261 -6.38 -10.40 -4.10
N ILE A 262 -5.07 -10.32 -4.43
CA ILE A 262 -4.63 -9.39 -5.52
C ILE A 262 -5.38 -9.67 -6.83
N SER A 263 -5.46 -10.99 -7.15
CA SER A 263 -6.17 -11.30 -8.40
C SER A 263 -7.64 -10.94 -8.30
N VAL A 264 -8.27 -11.20 -7.15
CA VAL A 264 -9.67 -10.83 -7.01
C VAL A 264 -9.82 -9.30 -7.08
N LEU A 265 -8.88 -8.55 -6.46
CA LEU A 265 -8.96 -7.07 -6.57
C LEU A 265 -8.86 -6.63 -8.01
N ARG A 266 -7.98 -7.28 -8.76
CA ARG A 266 -7.86 -6.87 -10.21
C ARG A 266 -9.16 -7.16 -10.96
N LEU A 267 -9.83 -8.23 -10.55
CA LEU A 267 -11.04 -8.57 -11.27
C LEU A 267 -12.20 -7.66 -10.85
N MET A 268 -12.16 -7.15 -9.60
CA MET A 268 -13.14 -6.22 -9.07
C MET A 268 -12.89 -4.75 -9.43
N PHE A 269 -11.61 -4.33 -9.50
CA PHE A 269 -11.23 -2.98 -9.78
C PHE A 269 -10.27 -2.98 -10.99
N PRO A 270 -10.76 -3.35 -12.17
CA PRO A 270 -9.92 -3.65 -13.27
C PRO A 270 -9.01 -2.48 -13.73
N LYS A 271 -9.50 -1.25 -13.53
CA LYS A 271 -8.79 -0.07 -14.05
C LYS A 271 -7.93 0.59 -12.99
N ARG A 272 -7.87 0.00 -11.77
CA ARG A 272 -7.24 0.75 -10.63
C ARG A 272 -5.79 0.32 -10.43
N LEU A 273 -5.06 1.08 -9.60
CA LEU A 273 -3.74 0.72 -9.17
C LEU A 273 -3.81 -0.32 -8.08
N ILE A 274 -2.98 -1.37 -8.15
CA ILE A 274 -2.92 -2.41 -7.11
C ILE A 274 -1.47 -2.71 -6.91
N PRO A 275 -0.93 -2.53 -5.68
CA PRO A 275 0.50 -2.65 -5.43
C PRO A 275 1.03 -4.01 -5.30
N ALA A 276 2.27 -4.20 -5.76
CA ALA A 276 3.08 -5.34 -5.41
C ALA A 276 4.14 -4.74 -4.42
N SER A 277 3.95 -4.98 -3.12
CA SER A 277 4.85 -4.45 -2.09
C SER A 277 6.08 -5.32 -1.86
N LEU A 278 7.25 -4.69 -1.85
CA LEU A 278 8.50 -5.43 -1.54
C LEU A 278 8.60 -5.74 -0.02
N ASP A 279 7.74 -5.08 0.79
CA ASP A 279 7.88 -5.18 2.24
C ASP A 279 7.52 -6.58 2.81
N LEU A 280 6.81 -7.37 2.00
CA LEU A 280 6.29 -8.64 2.50
C LEU A 280 7.16 -9.87 2.15
N GLU A 281 7.76 -9.86 0.95
CA GLU A 281 8.51 -11.01 0.41
C GLU A 281 9.64 -10.53 -0.54
N GLY A 282 9.90 -9.23 -0.56
CA GLY A 282 10.98 -8.65 -1.41
C GLY A 282 10.70 -8.79 -2.90
N ILE A 283 11.81 -8.69 -3.64
CA ILE A 283 11.75 -8.74 -5.11
C ILE A 283 11.20 -10.09 -5.61
N ASP A 284 11.55 -11.20 -4.97
CA ASP A 284 10.94 -12.46 -5.45
C ASP A 284 9.42 -12.42 -5.26
N GLY A 285 9.00 -11.86 -4.12
CA GLY A 285 7.56 -11.75 -3.84
C GLY A 285 6.90 -10.79 -4.83
N MET A 286 7.63 -9.78 -5.26
CA MET A 286 7.12 -8.80 -6.27
C MET A 286 6.73 -9.53 -7.56
N VAL A 287 7.58 -10.47 -8.00
CA VAL A 287 7.27 -11.22 -9.20
C VAL A 287 5.92 -11.94 -9.07
N LEU A 288 5.68 -12.57 -7.94
CA LEU A 288 4.46 -13.34 -7.72
C LEU A 288 3.24 -12.39 -7.72
N ARG A 289 3.47 -11.23 -7.11
CA ARG A 289 2.33 -10.24 -6.96
C ARG A 289 2.02 -9.59 -8.27
N LEU A 290 3.03 -9.19 -9.05
CA LEU A 290 2.75 -8.73 -10.44
C LEU A 290 2.09 -9.81 -11.29
N ASN A 291 2.52 -11.08 -11.14
CA ASN A 291 1.86 -12.15 -11.91
C ASN A 291 0.49 -12.50 -11.38
N ALA A 292 0.07 -11.95 -10.26
CA ALA A 292 -1.33 -12.12 -9.78
C ALA A 292 -2.19 -10.88 -10.18
N GLY A 293 -1.60 -9.89 -10.85
CA GLY A 293 -2.41 -8.74 -11.34
C GLY A 293 -2.04 -7.37 -10.81
N ALA A 294 -1.01 -7.28 -10.00
CA ALA A 294 -0.61 -5.95 -9.54
C ALA A 294 0.03 -5.14 -10.69
N ASN A 295 0.04 -3.82 -10.52
CA ASN A 295 0.62 -2.93 -11.59
C ASN A 295 1.54 -1.81 -11.09
N ILE A 296 1.75 -1.75 -9.77
CA ILE A 296 2.66 -0.74 -9.19
C ILE A 296 3.50 -1.42 -8.13
N VAL A 297 4.76 -1.14 -8.11
CA VAL A 297 5.69 -1.77 -7.16
C VAL A 297 5.96 -0.70 -6.06
N THR A 298 5.75 -1.12 -4.79
CA THR A 298 5.88 -0.19 -3.68
C THR A 298 6.86 -0.76 -2.65
N SER A 299 7.19 0.10 -1.71
CA SER A 299 8.16 -0.26 -0.65
C SER A 299 9.57 -0.40 -1.23
N ILE A 300 9.80 0.34 -2.32
CA ILE A 300 11.15 0.48 -2.90
C ILE A 300 11.83 1.54 -2.05
N LEU A 301 13.04 1.28 -1.58
CA LEU A 301 13.71 2.28 -0.77
C LEU A 301 14.66 3.11 -1.57
N PRO A 302 14.91 4.36 -1.10
CA PRO A 302 15.92 5.21 -1.68
C PRO A 302 17.27 4.43 -1.74
N PRO A 303 18.12 4.74 -2.76
CA PRO A 303 19.44 4.12 -2.96
C PRO A 303 20.30 4.25 -1.68
N ASP A 304 20.89 3.14 -1.23
CA ASP A 304 21.46 2.96 0.11
C ASP A 304 20.28 2.82 1.03
N SER A 305 20.06 3.88 1.77
CA SER A 305 19.07 3.98 2.75
C SER A 305 19.19 2.97 3.91
N GLN A 306 19.23 3.50 5.09
CA GLN A 306 19.04 2.77 6.33
C GLN A 306 17.57 2.86 6.69
N LEU A 307 16.76 3.47 5.81
CA LEU A 307 15.33 3.69 6.17
C LEU A 307 14.61 2.37 6.29
N GLU A 308 13.54 2.37 7.05
CA GLU A 308 12.78 1.10 7.32
C GLU A 308 11.55 0.97 6.42
N GLY A 309 11.11 -0.26 6.24
CA GLY A 309 9.75 -0.56 5.75
C GLY A 309 8.83 -0.58 6.99
N VAL A 310 7.66 -1.16 6.82
CA VAL A 310 6.68 -1.27 7.96
C VAL A 310 6.58 -2.71 8.45
N ALA A 311 6.42 -3.65 7.55
CA ALA A 311 6.39 -5.09 7.92
C ALA A 311 7.81 -5.64 8.02
N ASN A 312 8.72 -5.14 7.15
CA ASN A 312 10.17 -5.47 7.30
C ASN A 312 10.43 -6.99 7.26
N TYR A 313 9.99 -7.63 6.17
CA TYR A 313 10.24 -9.10 6.05
C TYR A 313 11.73 -9.42 6.10
N ASP A 314 12.58 -8.45 5.71
CA ASP A 314 14.02 -8.57 5.59
C ASP A 314 14.79 -8.02 6.79
N ARG A 315 14.13 -7.88 7.93
CA ARG A 315 14.73 -7.30 9.17
C ARG A 315 15.93 -8.10 9.58
N ASP A 316 15.91 -9.43 9.37
CA ASP A 316 17.06 -10.25 9.76
C ASP A 316 18.16 -10.48 8.72
N LEU A 317 17.95 -9.98 7.49
CA LEU A 317 18.94 -10.23 6.41
C LEU A 317 20.17 -9.34 6.59
N GLU A 318 21.36 -9.87 6.29
CA GLU A 318 22.53 -9.01 6.41
C GLU A 318 22.50 -7.93 5.34
N GLU A 319 21.83 -8.21 4.23
CA GLU A 319 21.78 -7.28 3.08
C GLU A 319 20.33 -7.23 2.54
N ARG A 320 19.76 -6.02 2.39
CA ARG A 320 18.41 -5.92 1.87
C ARG A 320 18.57 -5.60 0.36
N ASP A 321 17.56 -5.93 -0.46
CA ASP A 321 17.57 -5.78 -1.92
C ASP A 321 16.19 -5.11 -2.15
N ARG A 322 16.19 -3.78 -2.09
CA ARG A 322 15.00 -2.93 -2.07
C ARG A 322 15.18 -1.77 -3.06
N ASP A 323 16.19 -1.75 -3.96
CA ASP A 323 16.45 -0.49 -4.68
C ASP A 323 15.79 -0.59 -6.06
N ILE A 324 15.50 0.58 -6.61
CA ILE A 324 14.86 0.67 -7.92
C ILE A 324 15.64 -0.05 -9.05
N LYS A 325 16.96 0.02 -9.04
CA LYS A 325 17.71 -0.58 -10.14
C LYS A 325 17.48 -2.15 -10.10
N SER A 326 17.39 -2.75 -8.89
CA SER A 326 17.15 -4.22 -8.82
C SER A 326 15.74 -4.53 -9.23
N VAL A 327 14.79 -3.68 -8.81
CA VAL A 327 13.42 -3.85 -9.28
C VAL A 327 13.30 -3.79 -10.81
N VAL A 328 13.94 -2.80 -11.45
CA VAL A 328 13.78 -2.64 -12.89
C VAL A 328 14.46 -3.82 -13.61
N ARG A 329 15.58 -4.26 -13.08
CA ARG A 329 16.30 -5.46 -13.68
C ARG A 329 15.34 -6.63 -13.66
N ARG A 330 14.66 -6.86 -12.50
CA ARG A 330 13.79 -8.02 -12.42
C ARG A 330 12.56 -7.81 -13.35
N LEU A 331 12.01 -6.61 -13.44
CA LEU A 331 10.86 -6.39 -14.40
C LEU A 331 11.33 -6.77 -15.83
N GLU A 332 12.56 -6.37 -16.21
CA GLU A 332 13.05 -6.68 -17.57
C GLU A 332 13.04 -8.22 -17.82
N ILE A 333 13.54 -8.98 -16.85
CA ILE A 333 13.51 -10.46 -16.89
C ILE A 333 12.08 -11.00 -17.08
N MET A 334 11.13 -10.31 -16.44
CA MET A 334 9.71 -10.70 -16.53
C MET A 334 9.07 -10.29 -17.82
N GLY A 335 9.75 -9.43 -18.60
CA GLY A 335 9.14 -8.86 -19.80
C GLY A 335 8.29 -7.64 -19.57
N MET A 336 8.58 -6.96 -18.46
CA MET A 336 7.78 -5.76 -18.11
C MET A 336 8.70 -4.57 -18.14
N LYS A 337 8.10 -3.38 -18.15
CA LYS A 337 8.88 -2.10 -18.29
C LYS A 337 8.26 -0.99 -17.44
N PRO A 338 9.07 -0.09 -16.90
CA PRO A 338 8.41 1.05 -16.29
C PRO A 338 7.54 1.82 -17.23
N ALA A 339 6.39 2.29 -16.70
CA ALA A 339 5.47 3.15 -17.44
C ALA A 339 6.02 4.56 -17.73
N ARG A 340 5.35 5.25 -18.68
CA ARG A 340 5.65 6.67 -18.90
C ARG A 340 5.02 7.49 -17.75
N GLN A 341 5.66 8.59 -17.41
CA GLN A 341 5.13 9.47 -16.39
C GLN A 341 3.76 10.00 -16.74
N ALA A 342 3.49 10.30 -18.02
CA ALA A 342 2.21 10.88 -18.35
C ALA A 342 1.07 9.90 -18.09
N ASP A 343 1.37 8.60 -18.23
CA ASP A 343 0.36 7.55 -17.97
C ASP A 343 0.01 7.48 -16.52
N PHE A 344 1.01 7.70 -15.66
CA PHE A 344 0.75 7.80 -14.22
C PHE A 344 -0.04 9.08 -13.92
N GLU A 345 0.38 10.23 -14.45
CA GLU A 345 -0.24 11.53 -14.16
C GLU A 345 -1.72 11.50 -14.58
N ALA A 346 -2.08 10.65 -15.56
CA ALA A 346 -3.46 10.46 -16.01
C ALA A 346 -4.35 9.94 -14.90
N VAL A 347 -3.77 9.27 -13.95
CA VAL A 347 -4.62 8.83 -12.81
C VAL A 347 -4.88 9.91 -11.77
N LEU A 348 -4.13 11.03 -11.79
CA LEU A 348 -4.15 12.01 -10.69
C LEU A 348 -5.17 13.15 -10.65
#